data_6JV0
#
_entry.id   6JV0
#
_cell.length_a   40.468
_cell.length_b   87.746
_cell.length_c   43.310
_cell.angle_alpha   90.000
_cell.angle_beta   94.080
_cell.angle_gamma   90.000
#
_symmetry.space_group_name_H-M   'P 1 21 1'
#
loop_
_entity.id
_entity.type
_entity.pdbx_description
1 polymer 'Sll1336 protein'
2 non-polymer L-ornithine
3 non-polymer 1,2-ETHANEDIOL
4 water water
#
_entity_poly.entity_id   1
_entity_poly.type   'polypeptide(L)'
_entity_poly.pdbx_seq_one_letter_code
;MGSSHHHHHHSSGLVPRGSHMMADDIRILMCPPDHYDVDYVINPWMEGNIHKSSQERAVEQWKKLHQTIKECAIVDLVKP
AKGWPDMVFTANAGLVLGENVVLSRFYHKERQGEEPYFKAWFEENGFTVYELPQDLPFEGAGDALFDREGRWLWAGYGFR
SELDSHPYIAKWLDTEVVSLRLIDERFYHLDTCFCPLSGGYLLYYPPAFDAYSNRVIEMRIPPEKRIIVEELDAVNFACN
AVNVNDIIIMNLVSRTLKEKLAEAGFKVRETPLTEFLKAGGAAKCLTLRVTEPILPDVHATV
;
_entity_poly.pdbx_strand_id   A
#
loop_
_chem_comp.id
_chem_comp.type
_chem_comp.name
_chem_comp.formula
EDO non-polymer 1,2-ETHANEDIOL 'C2 H6 O2'
#
# COMPACT_ATOMS: atom_id res chain seq x y z
N ASP A 24 2.81 4.29 19.99
CA ASP A 24 2.96 3.18 20.91
C ASP A 24 2.95 1.85 20.18
N ASP A 25 1.90 1.06 20.40
CA ASP A 25 1.78 -0.22 19.73
C ASP A 25 1.55 -0.02 18.24
N ILE A 26 2.12 -0.91 17.44
CA ILE A 26 1.94 -0.93 16.00
C ILE A 26 1.09 -2.14 15.67
N ARG A 27 -0.01 -1.91 14.96
CA ARG A 27 -0.91 -2.98 14.56
C ARG A 27 -1.18 -2.88 13.08
N ILE A 28 -1.19 -4.03 12.41
CA ILE A 28 -1.33 -4.13 10.96
C ILE A 28 -2.48 -5.07 10.66
N LEU A 29 -3.38 -4.65 9.77
CA LEU A 29 -4.52 -5.45 9.34
C LEU A 29 -4.18 -6.22 8.07
N MET A 30 -4.46 -7.53 8.09
CA MET A 30 -4.30 -8.40 6.93
C MET A 30 -5.59 -9.20 6.76
N CYS A 31 -5.69 -9.91 5.63
CA CYS A 31 -6.88 -10.67 5.29
C CYS A 31 -6.42 -11.90 4.51
N PRO A 32 -6.68 -13.11 5.01
CA PRO A 32 -6.07 -14.32 4.43
C PRO A 32 -6.68 -14.71 3.10
N PRO A 33 -5.92 -15.44 2.29
CA PRO A 33 -6.32 -15.75 0.91
C PRO A 33 -7.25 -16.96 0.76
N ASP A 34 -8.19 -17.12 1.70
CA ASP A 34 -9.13 -18.24 1.65
C ASP A 34 -9.86 -18.33 0.32
N HIS A 35 -10.17 -17.18 -0.29
CA HIS A 35 -10.96 -17.12 -1.51
C HIS A 35 -10.19 -16.40 -2.62
N TYR A 36 -8.86 -16.47 -2.56
CA TYR A 36 -8.02 -15.72 -3.48
C TYR A 36 -7.89 -16.43 -4.82
N ASP A 37 -7.95 -15.64 -5.88
CA ASP A 37 -7.80 -16.09 -7.26
C ASP A 37 -7.57 -14.81 -8.07
N VAL A 38 -7.21 -14.98 -9.33
CA VAL A 38 -7.25 -13.90 -10.30
C VAL A 38 -8.45 -14.19 -11.19
N ASP A 39 -9.51 -13.39 -11.03
CA ASP A 39 -10.79 -13.64 -11.70
C ASP A 39 -11.14 -12.58 -12.72
N TYR A 40 -10.41 -11.48 -12.79
CA TYR A 40 -10.72 -10.38 -13.68
C TYR A 40 -9.42 -9.64 -13.95
N VAL A 41 -9.51 -8.60 -14.78
CA VAL A 41 -8.33 -7.86 -15.20
C VAL A 41 -8.64 -6.38 -15.00
N ILE A 42 -8.09 -5.79 -13.94
CA ILE A 42 -8.29 -4.37 -13.68
C ILE A 42 -6.96 -3.62 -13.49
N ASN A 43 -5.85 -4.30 -13.74
CA ASN A 43 -4.56 -3.63 -13.86
C ASN A 43 -3.69 -4.48 -14.77
N PRO A 44 -2.60 -3.92 -15.31
CA PRO A 44 -1.86 -4.67 -16.35
C PRO A 44 -1.23 -5.96 -15.88
N TRP A 45 -0.91 -6.07 -14.58
CA TRP A 45 -0.29 -7.27 -14.07
C TRP A 45 -1.24 -8.46 -14.14
N MET A 46 -2.54 -8.21 -14.13
CA MET A 46 -3.52 -9.27 -14.14
C MET A 46 -3.75 -9.84 -15.54
N GLU A 47 -3.36 -9.11 -16.59
CA GLU A 47 -3.56 -9.58 -17.95
C GLU A 47 -2.87 -10.92 -18.16
N GLY A 48 -3.60 -11.88 -18.73
CA GLY A 48 -3.08 -13.21 -18.97
C GLY A 48 -2.95 -14.07 -17.74
N ASN A 49 -3.37 -13.58 -16.57
CA ASN A 49 -3.18 -14.29 -15.31
C ASN A 49 -4.46 -14.85 -14.71
N ILE A 50 -5.60 -14.74 -15.42
CA ILE A 50 -6.83 -15.27 -14.86
C ILE A 50 -6.67 -16.76 -14.59
N HIS A 51 -6.97 -17.16 -13.36
CA HIS A 51 -6.85 -18.54 -12.89
C HIS A 51 -5.45 -19.11 -13.03
N LYS A 52 -4.43 -18.24 -13.02
CA LYS A 52 -3.04 -18.70 -13.02
C LYS A 52 -2.42 -18.73 -11.65
N SER A 53 -3.11 -18.24 -10.63
CA SER A 53 -2.60 -18.32 -9.26
CA SER A 53 -2.59 -18.33 -9.26
C SER A 53 -2.84 -19.73 -8.71
N SER A 54 -1.91 -20.19 -7.89
CA SER A 54 -2.06 -21.42 -7.13
C SER A 54 -2.54 -21.01 -5.74
N GLN A 55 -3.77 -21.39 -5.39
CA GLN A 55 -4.31 -20.98 -4.09
C GLN A 55 -3.49 -21.56 -2.95
N GLU A 56 -2.99 -22.79 -3.12
CA GLU A 56 -2.17 -23.40 -2.08
C GLU A 56 -0.83 -22.69 -1.92
N ARG A 57 -0.20 -22.30 -3.03
CA ARG A 57 1.05 -21.54 -2.91
C ARG A 57 0.79 -20.14 -2.37
N ALA A 58 -0.33 -19.54 -2.75
CA ALA A 58 -0.68 -18.22 -2.22
C ALA A 58 -0.86 -18.29 -0.71
N VAL A 59 -1.49 -19.35 -0.22
CA VAL A 59 -1.63 -19.54 1.23
C VAL A 59 -0.26 -19.63 1.89
N GLU A 60 0.65 -20.41 1.31
CA GLU A 60 1.97 -20.55 1.91
C GLU A 60 2.72 -19.22 1.90
N GLN A 61 2.66 -18.50 0.77
CA GLN A 61 3.33 -17.19 0.70
C GLN A 61 2.73 -16.20 1.68
N TRP A 62 1.41 -16.16 1.79
CA TRP A 62 0.77 -15.24 2.71
C TRP A 62 1.14 -15.58 4.16
N LYS A 63 1.18 -16.88 4.48
CA LYS A 63 1.51 -17.28 5.84
C LYS A 63 2.93 -16.87 6.20
N LYS A 64 3.86 -17.00 5.26
CA LYS A 64 5.24 -16.57 5.52
C LYS A 64 5.31 -15.07 5.71
N LEU A 65 4.58 -14.30 4.88
CA LEU A 65 4.53 -12.85 5.07
C LEU A 65 3.93 -12.50 6.42
N HIS A 66 2.79 -13.12 6.75
CA HIS A 66 2.13 -12.88 8.03
C HIS A 66 3.08 -13.12 9.20
N GLN A 67 3.82 -14.22 9.16
CA GLN A 67 4.76 -14.53 10.24
C GLN A 67 5.86 -13.48 10.31
N THR A 68 6.38 -13.05 9.16
CA THR A 68 7.45 -12.07 9.14
C THR A 68 6.98 -10.74 9.69
N ILE A 69 5.79 -10.30 9.28
CA ILE A 69 5.25 -9.05 9.80
C ILE A 69 4.97 -9.16 11.28
N LYS A 70 4.42 -10.30 11.71
CA LYS A 70 4.07 -10.47 13.12
C LYS A 70 5.30 -10.45 14.02
N GLU A 71 6.48 -10.79 13.50
CA GLU A 71 7.69 -10.64 14.30
C GLU A 71 7.98 -9.18 14.62
N CYS A 72 7.43 -8.26 13.83
CA CYS A 72 7.69 -6.83 13.97
C CYS A 72 6.51 -6.04 14.52
N ALA A 73 5.27 -6.50 14.35
CA ALA A 73 4.10 -5.75 14.79
C ALA A 73 2.97 -6.73 15.08
N ILE A 74 2.00 -6.27 15.87
CA ILE A 74 0.77 -7.03 16.05
C ILE A 74 0.01 -7.08 14.72
N VAL A 75 -0.54 -8.25 14.39
CA VAL A 75 -1.34 -8.41 13.18
C VAL A 75 -2.76 -8.77 13.55
N ASP A 76 -3.70 -7.94 13.11
CA ASP A 76 -5.13 -8.20 13.19
C ASP A 76 -5.61 -8.71 11.84
N LEU A 77 -6.67 -9.52 11.86
CA LEU A 77 -7.20 -10.10 10.64
C LEU A 77 -8.67 -9.73 10.47
N VAL A 78 -9.07 -9.52 9.22
CA VAL A 78 -10.47 -9.42 8.83
C VAL A 78 -10.82 -10.65 8.00
N LYS A 79 -12.00 -11.22 8.26
CA LYS A 79 -12.42 -12.43 7.56
C LYS A 79 -12.67 -12.13 6.08
N PRO A 80 -12.13 -12.94 5.16
CA PRO A 80 -12.32 -12.67 3.73
C PRO A 80 -13.71 -13.07 3.27
N ALA A 81 -14.20 -12.39 2.25
CA ALA A 81 -15.51 -12.63 1.68
C ALA A 81 -15.38 -13.38 0.36
N LYS A 82 -16.15 -14.47 0.22
CA LYS A 82 -16.14 -15.20 -1.04
C LYS A 82 -16.69 -14.33 -2.16
N GLY A 83 -16.03 -14.40 -3.32
CA GLY A 83 -16.42 -13.59 -4.45
C GLY A 83 -15.70 -12.26 -4.57
N TRP A 84 -14.84 -11.93 -3.62
CA TRP A 84 -14.07 -10.68 -3.61
C TRP A 84 -12.60 -11.04 -3.40
N PRO A 85 -11.96 -11.61 -4.41
CA PRO A 85 -10.61 -12.17 -4.20
C PRO A 85 -9.57 -11.14 -3.84
N ASP A 86 -9.76 -9.88 -4.23
CA ASP A 86 -8.77 -8.85 -3.93
C ASP A 86 -8.89 -8.32 -2.51
N MET A 87 -9.79 -8.87 -1.69
CA MET A 87 -9.89 -8.43 -0.31
C MET A 87 -8.62 -8.70 0.47
N VAL A 88 -7.75 -9.59 -0.02
CA VAL A 88 -6.46 -9.80 0.60
C VAL A 88 -5.65 -8.52 0.64
N PHE A 89 -5.91 -7.61 -0.30
CA PHE A 89 -5.15 -6.36 -0.42
C PHE A 89 -5.77 -5.28 0.46
N THR A 90 -5.54 -5.45 1.76
CA THR A 90 -6.13 -4.59 2.78
C THR A 90 -5.59 -3.16 2.74
N ALA A 91 -4.45 -2.90 2.08
CA ALA A 91 -4.00 -1.53 1.96
C ALA A 91 -5.08 -0.64 1.35
N ASN A 92 -5.93 -1.23 0.50
CA ASN A 92 -6.98 -0.46 -0.15
C ASN A 92 -8.28 -0.42 0.63
N ALA A 93 -8.31 -0.89 1.87
CA ALA A 93 -9.57 -0.83 2.62
C ALA A 93 -9.96 0.60 2.95
N GLY A 94 -8.98 1.45 3.24
CA GLY A 94 -9.24 2.82 3.64
C GLY A 94 -7.93 3.46 4.04
N LEU A 95 -8.05 4.72 4.47
CA LEU A 95 -6.92 5.52 4.93
C LEU A 95 -7.14 5.86 6.39
N VAL A 96 -6.21 5.46 7.25
CA VAL A 96 -6.33 5.58 8.70
C VAL A 96 -5.45 6.70 9.21
N LEU A 97 -5.99 7.52 10.11
CA LEU A 97 -5.18 8.45 10.91
C LEU A 97 -5.84 8.57 12.27
N GLY A 98 -5.13 8.19 13.33
CA GLY A 98 -5.72 8.26 14.66
C GLY A 98 -6.92 7.33 14.73
N GLU A 99 -8.02 7.82 15.30
CA GLU A 99 -9.24 7.03 15.44
C GLU A 99 -10.14 7.13 14.20
N ASN A 100 -9.68 7.77 13.13
CA ASN A 100 -10.48 8.03 11.96
C ASN A 100 -10.02 7.19 10.77
N VAL A 101 -10.97 6.85 9.91
CA VAL A 101 -10.67 6.19 8.64
C VAL A 101 -11.51 6.83 7.56
N VAL A 102 -10.88 7.15 6.42
CA VAL A 102 -11.61 7.45 5.20
C VAL A 102 -11.75 6.13 4.45
N LEU A 103 -12.97 5.64 4.33
CA LEU A 103 -13.22 4.36 3.66
C LEU A 103 -12.93 4.51 2.17
N SER A 104 -12.33 3.48 1.58
CA SER A 104 -12.13 3.52 0.14
C SER A 104 -13.45 3.38 -0.60
N ARG A 105 -13.55 4.10 -1.71
CA ARG A 105 -14.59 3.91 -2.72
C ARG A 105 -13.85 3.47 -3.98
N PHE A 106 -14.00 2.20 -4.34
CA PHE A 106 -13.21 1.64 -5.43
C PHE A 106 -13.66 2.17 -6.79
N TYR A 107 -12.68 2.38 -7.66
CA TYR A 107 -12.96 2.73 -9.04
C TYR A 107 -13.72 1.63 -9.77
N HIS A 108 -13.35 0.37 -9.53
CA HIS A 108 -13.91 -0.76 -10.27
C HIS A 108 -14.97 -1.49 -9.48
N LYS A 109 -16.07 -1.83 -10.17
CA LYS A 109 -17.13 -2.61 -9.55
C LYS A 109 -16.62 -3.94 -9.01
N GLU A 110 -15.53 -4.45 -9.59
CA GLU A 110 -14.99 -5.75 -9.19
C GLU A 110 -14.46 -5.74 -7.76
N ARG A 111 -14.15 -4.56 -7.19
CA ARG A 111 -13.73 -4.48 -5.80
C ARG A 111 -14.74 -3.75 -4.92
N GLN A 112 -15.76 -3.11 -5.50
CA GLN A 112 -16.69 -2.32 -4.70
C GLN A 112 -17.41 -3.16 -3.66
N GLY A 113 -17.61 -4.45 -3.92
CA GLY A 113 -18.25 -5.32 -2.94
C GLY A 113 -17.45 -5.57 -1.68
N GLU A 114 -16.16 -5.21 -1.68
CA GLU A 114 -15.36 -5.32 -0.45
C GLU A 114 -15.73 -4.23 0.55
N GLU A 115 -16.25 -3.11 0.07
CA GLU A 115 -16.50 -1.94 0.92
C GLU A 115 -17.33 -2.23 2.16
N PRO A 116 -18.48 -2.91 2.07
CA PRO A 116 -19.24 -3.18 3.31
C PRO A 116 -18.49 -4.01 4.32
N TYR A 117 -17.65 -4.96 3.85
CA TYR A 117 -16.91 -5.80 4.78
C TYR A 117 -15.82 -5.01 5.49
N PHE A 118 -15.09 -4.16 4.76
CA PHE A 118 -14.09 -3.33 5.41
C PHE A 118 -14.75 -2.33 6.36
N LYS A 119 -15.85 -1.71 5.93
CA LYS A 119 -16.56 -0.77 6.80
C LYS A 119 -16.96 -1.43 8.11
N ALA A 120 -17.48 -2.66 8.05
CA ALA A 120 -17.87 -3.36 9.27
C ALA A 120 -16.67 -3.59 10.19
N TRP A 121 -15.53 -3.96 9.62
CA TRP A 121 -14.34 -4.15 10.45
C TRP A 121 -13.94 -2.86 11.14
N PHE A 122 -13.90 -1.76 10.39
CA PHE A 122 -13.52 -0.49 11.00
C PHE A 122 -14.47 -0.10 12.12
N GLU A 123 -15.78 -0.26 11.90
CA GLU A 123 -16.77 0.10 12.92
C GLU A 123 -16.65 -0.80 14.14
N GLU A 124 -16.45 -2.11 13.92
CA GLU A 124 -16.34 -3.05 15.03
C GLU A 124 -15.10 -2.79 15.87
N ASN A 125 -14.07 -2.19 15.29
CA ASN A 125 -12.81 -1.96 15.97
C ASN A 125 -12.62 -0.52 16.43
N GLY A 126 -13.70 0.25 16.49
CA GLY A 126 -13.71 1.52 17.19
C GLY A 126 -13.35 2.73 16.37
N PHE A 127 -13.25 2.60 15.05
CA PHE A 127 -12.90 3.75 14.23
C PHE A 127 -14.14 4.56 13.87
N THR A 128 -13.93 5.85 13.65
CA THR A 128 -14.95 6.74 13.11
C THR A 128 -14.74 6.82 11.60
N VAL A 129 -15.76 6.45 10.82
CA VAL A 129 -15.63 6.24 9.39
C VAL A 129 -16.18 7.42 8.62
N TYR A 130 -15.39 7.95 7.70
CA TYR A 130 -15.81 8.95 6.73
C TYR A 130 -16.01 8.26 5.39
N GLU A 131 -17.05 8.66 4.66
CA GLU A 131 -17.38 8.03 3.39
C GLU A 131 -17.48 9.09 2.30
N LEU A 132 -16.87 8.79 1.16
CA LEU A 132 -16.91 9.69 0.03
C LEU A 132 -18.21 9.53 -0.74
N PRO A 133 -18.57 10.54 -1.54
CA PRO A 133 -19.66 10.34 -2.49
C PRO A 133 -19.41 9.11 -3.35
N GLN A 134 -20.50 8.41 -3.68
CA GLN A 134 -20.39 7.14 -4.40
C GLN A 134 -19.70 7.28 -5.75
N ASP A 135 -19.72 8.46 -6.35
CA ASP A 135 -19.12 8.68 -7.65
C ASP A 135 -17.70 9.21 -7.59
N LEU A 136 -17.07 9.21 -6.41
CA LEU A 136 -15.75 9.81 -6.23
C LEU A 136 -14.77 8.76 -5.74
N PRO A 137 -13.98 8.16 -6.63
CA PRO A 137 -13.12 7.05 -6.21
C PRO A 137 -11.92 7.51 -5.39
N PHE A 138 -11.53 6.65 -4.45
CA PHE A 138 -10.37 6.84 -3.60
C PHE A 138 -10.01 5.48 -3.02
N GLU A 139 -8.77 5.06 -3.15
CA GLU A 139 -8.42 3.68 -2.81
C GLU A 139 -7.46 3.54 -1.61
N GLY A 140 -7.57 4.45 -0.67
CA GLY A 140 -7.08 4.19 0.67
C GLY A 140 -5.58 4.33 0.79
N ALA A 141 -5.03 3.68 1.81
CA ALA A 141 -3.59 3.76 2.06
C ALA A 141 -2.77 3.22 0.91
N GLY A 142 -3.33 2.33 0.10
CA GLY A 142 -2.61 1.88 -1.09
C GLY A 142 -2.32 3.00 -2.05
N ASP A 143 -3.12 4.06 -2.01
CA ASP A 143 -2.94 5.20 -2.90
C ASP A 143 -2.55 6.47 -2.15
N ALA A 144 -2.31 6.41 -0.83
CA ALA A 144 -2.07 7.62 -0.04
C ALA A 144 -1.31 7.23 1.22
N LEU A 145 -0.07 7.70 1.36
CA LEU A 145 0.83 7.26 2.41
C LEU A 145 1.38 8.47 3.15
N PHE A 146 1.29 8.44 4.48
CA PHE A 146 1.81 9.54 5.27
C PHE A 146 3.33 9.58 5.25
N ASP A 147 3.87 10.80 5.22
CA ASP A 147 5.23 11.01 5.67
C ASP A 147 5.36 10.47 7.09
N ARG A 148 6.46 9.76 7.37
CA ARG A 148 6.48 9.00 8.62
C ARG A 148 6.63 9.89 9.86
N GLU A 149 7.09 11.12 9.70
CA GLU A 149 7.07 12.11 10.78
C GLU A 149 5.74 12.83 10.88
N GLY A 150 4.76 12.48 10.05
CA GLY A 150 3.44 13.06 10.12
C GLY A 150 3.33 14.47 9.59
N ARG A 151 4.29 14.92 8.77
CA ARG A 151 4.28 16.31 8.33
C ARG A 151 3.18 16.56 7.31
N TRP A 152 2.80 15.55 6.54
CA TRP A 152 1.81 15.66 5.49
C TRP A 152 1.49 14.26 4.98
N LEU A 153 0.46 14.19 4.15
CA LEU A 153 0.05 12.97 3.47
C LEU A 153 0.43 13.08 2.01
N TRP A 154 1.15 12.08 1.49
CA TRP A 154 1.38 11.99 0.05
C TRP A 154 0.21 11.22 -0.54
N ALA A 155 -0.46 11.78 -1.55
CA ALA A 155 -1.67 11.16 -2.09
C ALA A 155 -1.54 11.01 -3.59
N GLY A 156 -1.60 9.77 -4.07
CA GLY A 156 -1.55 9.53 -5.48
C GLY A 156 -2.89 9.72 -6.17
N TYR A 157 -2.82 9.98 -7.47
CA TYR A 157 -4.00 9.98 -8.31
C TYR A 157 -3.54 9.69 -9.73
N GLY A 158 -4.51 9.37 -10.59
CA GLY A 158 -4.23 9.22 -12.00
C GLY A 158 -4.75 7.93 -12.58
N PHE A 159 -4.99 6.92 -11.75
CA PHE A 159 -5.54 5.66 -12.23
C PHE A 159 -6.70 5.15 -11.39
N ARG A 160 -6.63 5.32 -10.07
CA ARG A 160 -7.66 4.80 -9.18
C ARG A 160 -8.28 5.96 -8.41
N SER A 161 -7.57 6.57 -7.48
CA SER A 161 -8.12 7.70 -6.75
C SER A 161 -8.24 8.92 -7.65
N GLU A 162 -9.34 9.67 -7.46
CA GLU A 162 -9.55 10.93 -8.16
C GLU A 162 -8.86 12.07 -7.43
N LEU A 163 -8.24 12.97 -8.19
CA LEU A 163 -7.65 14.16 -7.62
C LEU A 163 -8.66 14.92 -6.76
N ASP A 164 -9.93 14.95 -7.19
CA ASP A 164 -10.96 15.69 -6.47
C ASP A 164 -11.25 15.10 -5.09
N SER A 165 -10.82 13.86 -4.81
CA SER A 165 -10.98 13.33 -3.46
C SER A 165 -10.01 13.93 -2.47
N HIS A 166 -8.89 14.49 -2.94
CA HIS A 166 -7.84 14.93 -2.02
C HIS A 166 -8.28 16.03 -1.05
N PRO A 167 -9.05 17.05 -1.47
CA PRO A 167 -9.52 18.03 -0.47
C PRO A 167 -10.44 17.45 0.58
N TYR A 168 -11.23 16.43 0.25
CA TYR A 168 -12.04 15.76 1.26
C TYR A 168 -11.15 15.16 2.35
N ILE A 169 -10.10 14.46 1.92
CA ILE A 169 -9.20 13.83 2.88
C ILE A 169 -8.49 14.88 3.71
N ALA A 170 -8.02 15.95 3.08
CA ALA A 170 -7.31 17.00 3.81
C ALA A 170 -8.16 17.54 4.95
N LYS A 171 -9.46 17.77 4.68
CA LYS A 171 -10.35 18.34 5.68
C LYS A 171 -10.74 17.31 6.72
N TRP A 172 -11.16 16.12 6.28
CA TRP A 172 -11.59 15.10 7.23
C TRP A 172 -10.49 14.74 8.22
N LEU A 173 -9.25 14.63 7.74
CA LEU A 173 -8.15 14.17 8.58
C LEU A 173 -7.29 15.32 9.10
N ASP A 174 -7.58 16.56 8.71
CA ASP A 174 -6.82 17.72 9.15
C ASP A 174 -5.33 17.56 8.87
N THR A 175 -5.02 17.30 7.60
CA THR A 175 -3.65 17.07 7.16
C THR A 175 -3.41 17.82 5.88
N GLU A 176 -2.20 18.33 5.71
CA GLU A 176 -1.77 18.78 4.39
C GLU A 176 -1.70 17.56 3.49
N VAL A 177 -2.16 17.70 2.26
CA VAL A 177 -2.10 16.65 1.26
C VAL A 177 -1.23 17.13 0.13
N VAL A 178 -0.22 16.33 -0.22
CA VAL A 178 0.68 16.60 -1.33
C VAL A 178 0.30 15.61 -2.43
N SER A 179 -0.35 16.10 -3.47
CA SER A 179 -0.87 15.24 -4.52
C SER A 179 0.23 14.91 -5.53
N LEU A 180 0.30 13.64 -5.91
CA LEU A 180 1.32 13.13 -6.83
C LEU A 180 0.61 12.39 -7.95
N ARG A 181 0.94 12.73 -9.20
CA ARG A 181 0.26 12.18 -10.37
C ARG A 181 1.04 11.00 -10.94
N LEU A 182 0.39 9.85 -10.96
CA LEU A 182 0.92 8.61 -11.52
C LEU A 182 0.65 8.58 -13.03
N ILE A 183 1.64 8.14 -13.80
CA ILE A 183 1.59 8.22 -15.25
C ILE A 183 1.85 6.88 -15.95
N ASP A 184 2.11 5.79 -15.21
CA ASP A 184 2.43 4.49 -15.79
C ASP A 184 1.40 3.50 -15.27
N GLU A 185 0.64 2.89 -16.18
CA GLU A 185 -0.43 2.01 -15.77
C GLU A 185 0.05 0.82 -14.93
N ARG A 186 1.32 0.44 -15.04
CA ARG A 186 1.84 -0.62 -14.19
C ARG A 186 1.91 -0.18 -12.72
N PHE A 187 2.11 1.11 -12.49
CA PHE A 187 2.28 1.66 -11.15
C PHE A 187 1.05 2.52 -10.85
N TYR A 188 -0.06 1.81 -10.66
CA TYR A 188 -1.40 2.41 -10.70
C TYR A 188 -1.89 2.78 -9.31
N HIS A 189 -1.24 2.26 -8.26
CA HIS A 189 -1.42 2.67 -6.87
C HIS A 189 -0.12 3.29 -6.40
N LEU A 190 -0.21 4.35 -5.60
CA LEU A 190 0.98 4.99 -5.06
C LEU A 190 1.93 3.99 -4.41
N ASP A 191 1.41 3.03 -3.67
CA ASP A 191 2.27 2.15 -2.89
C ASP A 191 3.05 1.15 -3.75
N THR A 192 2.79 1.09 -5.05
CA THR A 192 3.58 0.22 -5.91
C THR A 192 4.87 0.87 -6.38
N CYS A 193 5.03 2.17 -6.14
CA CYS A 193 6.16 2.91 -6.68
C CYS A 193 6.68 3.95 -5.70
N PHE A 194 6.27 3.93 -4.43
CA PHE A 194 6.52 5.04 -3.52
C PHE A 194 6.29 4.55 -2.10
N CYS A 195 7.27 4.73 -1.22
CA CYS A 195 7.24 4.14 0.11
C CYS A 195 7.98 5.03 1.09
N PRO A 196 7.26 5.90 1.80
CA PRO A 196 7.87 6.64 2.91
C PRO A 196 8.40 5.69 3.97
N LEU A 197 9.61 5.96 4.46
CA LEU A 197 10.28 5.13 5.46
C LEU A 197 10.61 5.95 6.70
N SER A 198 11.01 5.25 7.75
CA SER A 198 11.52 5.93 8.92
CA SER A 198 11.58 5.86 8.95
C SER A 198 12.82 6.67 8.59
N GLY A 199 13.24 7.54 9.52
CA GLY A 199 14.48 8.26 9.36
C GLY A 199 14.48 9.30 8.27
N GLY A 200 13.31 9.69 7.77
CA GLY A 200 13.19 10.66 6.71
C GLY A 200 13.39 10.13 5.30
N TYR A 201 13.63 8.83 5.14
CA TYR A 201 13.95 8.27 3.83
C TYR A 201 12.69 8.00 3.02
N LEU A 202 12.87 8.03 1.70
CA LEU A 202 11.80 7.74 0.75
C LEU A 202 12.32 6.79 -0.31
N LEU A 203 11.69 5.62 -0.40
CA LEU A 203 12.01 4.60 -1.40
C LEU A 203 11.01 4.77 -2.53
N TYR A 204 11.47 5.08 -3.75
CA TYR A 204 10.52 5.34 -4.81
C TYR A 204 11.12 5.17 -6.20
N TYR A 205 10.23 5.10 -7.19
CA TYR A 205 10.56 4.93 -8.60
C TYR A 205 10.14 6.18 -9.36
N PRO A 206 11.06 7.11 -9.61
CA PRO A 206 10.70 8.42 -10.23
C PRO A 206 9.93 8.32 -11.53
N PRO A 207 10.22 7.37 -12.43
CA PRO A 207 9.48 7.33 -13.71
C PRO A 207 8.00 7.03 -13.60
N ALA A 208 7.51 6.64 -12.42
CA ALA A 208 6.08 6.46 -12.23
C ALA A 208 5.33 7.77 -12.08
N PHE A 209 6.03 8.89 -11.97
CA PHE A 209 5.45 10.19 -11.70
C PHE A 209 5.76 11.17 -12.83
N ASP A 210 4.88 12.14 -13.04
CA ASP A 210 5.17 13.17 -14.02
C ASP A 210 6.24 14.13 -13.51
N ALA A 211 6.66 15.04 -14.38
CA ALA A 211 7.78 15.91 -14.05
C ALA A 211 7.46 16.81 -12.88
N TYR A 212 6.25 17.38 -12.86
CA TYR A 212 5.86 18.26 -11.77
C TYR A 212 5.85 17.50 -10.45
N SER A 213 5.30 16.28 -10.45
CA SER A 213 5.24 15.50 -9.23
C SER A 213 6.63 15.13 -8.74
N ASN A 214 7.55 14.79 -9.64
CA ASN A 214 8.93 14.56 -9.24
C ASN A 214 9.54 15.81 -8.61
N ARG A 215 9.26 16.99 -9.18
CA ARG A 215 9.79 18.20 -8.58
C ARG A 215 9.22 18.43 -7.18
N VAL A 216 7.93 18.14 -6.99
CA VAL A 216 7.31 18.28 -5.68
C VAL A 216 7.95 17.35 -4.66
N ILE A 217 8.20 16.09 -5.05
CA ILE A 217 8.91 15.16 -4.18
C ILE A 217 10.29 15.70 -3.82
N GLU A 218 11.04 16.14 -4.85
CA GLU A 218 12.42 16.59 -4.67
C GLU A 218 12.53 17.82 -3.80
N MET A 219 11.53 18.70 -3.85
CA MET A 219 11.54 19.90 -3.01
C MET A 219 11.47 19.53 -1.53
N ARG A 220 10.82 18.41 -1.21
CA ARG A 220 10.56 18.05 0.17
C ARG A 220 11.55 17.03 0.73
N ILE A 221 12.08 16.16 -0.11
CA ILE A 221 12.98 15.09 0.32
C ILE A 221 14.33 15.34 -0.34
N PRO A 222 15.37 15.67 0.40
CA PRO A 222 16.66 15.99 -0.23
C PRO A 222 17.33 14.73 -0.76
N PRO A 223 18.31 14.87 -1.65
CA PRO A 223 18.90 13.69 -2.29
C PRO A 223 19.41 12.63 -1.34
N GLU A 224 20.03 13.01 -0.22
CA GLU A 224 20.59 11.99 0.67
C GLU A 224 19.52 11.14 1.34
N LYS A 225 18.26 11.56 1.31
CA LYS A 225 17.15 10.79 1.86
C LYS A 225 16.36 10.02 0.80
N ARG A 226 16.74 10.13 -0.47
CA ARG A 226 16.05 9.42 -1.54
C ARG A 226 16.74 8.09 -1.77
N ILE A 227 15.95 7.02 -1.79
CA ILE A 227 16.44 5.69 -2.16
C ILE A 227 15.74 5.36 -3.47
N ILE A 228 16.43 5.61 -4.58
CA ILE A 228 15.80 5.55 -5.89
C ILE A 228 15.98 4.16 -6.47
N VAL A 229 14.88 3.54 -6.82
CA VAL A 229 14.92 2.21 -7.40
C VAL A 229 14.99 2.32 -8.92
N GLU A 230 15.66 1.33 -9.51
CA GLU A 230 15.68 1.21 -10.96
C GLU A 230 14.56 0.28 -11.42
N GLU A 231 14.31 0.28 -12.73
CA GLU A 231 13.13 -0.40 -13.26
C GLU A 231 13.13 -1.89 -12.93
N LEU A 232 14.30 -2.52 -12.95
CA LEU A 232 14.37 -3.95 -12.67
C LEU A 232 13.79 -4.28 -11.30
N ASP A 233 14.11 -3.48 -10.29
CA ASP A 233 13.51 -3.68 -8.97
C ASP A 233 12.06 -3.21 -8.92
N ALA A 234 11.76 -2.10 -9.59
CA ALA A 234 10.39 -1.58 -9.57
C ALA A 234 9.39 -2.61 -10.07
N VAL A 235 9.72 -3.32 -11.15
CA VAL A 235 8.79 -4.30 -11.72
C VAL A 235 8.66 -5.56 -10.88
N ASN A 236 9.52 -5.74 -9.90
CA ASN A 236 9.34 -6.80 -8.92
CA ASN A 236 9.31 -6.80 -8.93
C ASN A 236 8.70 -6.28 -7.64
N PHE A 237 8.12 -5.09 -7.68
CA PHE A 237 7.38 -4.50 -6.57
C PHE A 237 8.27 -4.15 -5.38
N ALA A 238 9.53 -3.77 -5.66
CA ALA A 238 10.45 -3.39 -4.60
C ALA A 238 9.92 -2.26 -3.73
N CYS A 239 9.19 -1.31 -4.33
CA CYS A 239 8.66 -0.20 -3.55
C CYS A 239 7.47 -0.57 -2.68
N ASN A 240 6.90 -1.74 -2.93
CA ASN A 240 5.71 -2.21 -2.22
C ASN A 240 6.15 -2.91 -0.94
N ALA A 241 6.80 -2.15 -0.09
CA ALA A 241 7.52 -2.65 1.07
C ALA A 241 6.81 -2.24 2.36
N VAL A 242 6.92 -3.11 3.35
CA VAL A 242 6.39 -2.86 4.69
C VAL A 242 7.55 -2.48 5.59
N ASN A 243 7.47 -1.29 6.18
CA ASN A 243 8.54 -0.78 7.02
C ASN A 243 8.02 -0.58 8.44
N VAL A 244 8.62 -1.30 9.38
CA VAL A 244 8.36 -1.12 10.81
C VAL A 244 9.70 -0.77 11.44
N ASN A 245 9.83 0.45 11.93
CA ASN A 245 11.08 0.94 12.54
C ASN A 245 12.21 0.79 11.53
N ASP A 246 13.24 -0.01 11.80
CA ASP A 246 14.37 -0.19 10.90
C ASP A 246 14.25 -1.44 10.04
N ILE A 247 13.13 -2.16 10.11
CA ILE A 247 12.94 -3.37 9.34
C ILE A 247 12.13 -3.05 8.08
N ILE A 248 12.55 -3.60 6.96
CA ILE A 248 11.80 -3.44 5.72
CA ILE A 248 11.83 -3.45 5.69
C ILE A 248 11.57 -4.83 5.12
N ILE A 249 10.30 -5.12 4.83
CA ILE A 249 9.88 -6.43 4.35
C ILE A 249 9.37 -6.26 2.93
N MET A 250 9.86 -7.09 2.02
CA MET A 250 9.38 -6.99 0.65
C MET A 250 9.61 -8.29 -0.09
N ASN A 251 9.12 -8.31 -1.33
CA ASN A 251 9.42 -9.33 -2.32
C ASN A 251 10.91 -9.24 -2.70
N LEU A 252 11.33 -10.14 -3.55
CA LEU A 252 12.72 -10.22 -3.95
C LEU A 252 13.19 -8.93 -4.61
N VAL A 253 14.35 -8.40 -4.15
CA VAL A 253 14.97 -7.24 -4.76
C VAL A 253 16.46 -7.49 -4.94
N SER A 254 17.08 -6.61 -5.73
CA SER A 254 18.47 -6.76 -6.11
C SER A 254 19.40 -6.55 -4.92
N ARG A 255 20.60 -7.12 -5.03
CA ARG A 255 21.60 -6.83 -4.01
C ARG A 255 21.99 -5.36 -4.02
N THR A 256 21.93 -4.71 -5.19
CA THR A 256 22.22 -3.28 -5.24
C THR A 256 21.29 -2.51 -4.31
N LEU A 257 19.98 -2.78 -4.41
CA LEU A 257 19.02 -2.07 -3.55
C LEU A 257 19.18 -2.47 -2.10
N LYS A 258 19.39 -3.77 -1.83
CA LYS A 258 19.58 -4.20 -0.45
C LYS A 258 20.75 -3.50 0.20
N GLU A 259 21.84 -3.28 -0.55
CA GLU A 259 23.00 -2.61 0.02
C GLU A 259 22.72 -1.14 0.26
N LYS A 260 21.97 -0.48 -0.62
CA LYS A 260 21.57 0.90 -0.37
C LYS A 260 20.72 1.00 0.89
N LEU A 261 19.76 0.08 1.07
CA LEU A 261 18.93 0.11 2.26
C LEU A 261 19.75 -0.16 3.51
N ALA A 262 20.69 -1.11 3.44
CA ALA A 262 21.53 -1.39 4.60
C ALA A 262 22.37 -0.18 4.98
N GLU A 263 22.90 0.53 3.97
CA GLU A 263 23.69 1.72 4.25
C GLU A 263 22.86 2.80 4.93
N ALA A 264 21.57 2.88 4.60
CA ALA A 264 20.68 3.83 5.24
C ALA A 264 20.19 3.36 6.61
N GLY A 265 20.56 2.17 7.04
CA GLY A 265 20.22 1.70 8.36
C GLY A 265 19.10 0.68 8.44
N PHE A 266 18.62 0.18 7.30
CA PHE A 266 17.48 -0.73 7.31
C PHE A 266 17.92 -2.19 7.25
N LYS A 267 17.15 -3.05 7.92
CA LYS A 267 17.33 -4.50 7.89
C LYS A 267 16.28 -5.07 6.94
N VAL A 268 16.74 -5.68 5.85
CA VAL A 268 15.85 -6.13 4.79
C VAL A 268 15.46 -7.60 5.03
N ARG A 269 14.17 -7.88 4.90
CA ARG A 269 13.65 -9.24 4.98
C ARG A 269 12.85 -9.50 3.73
N GLU A 270 13.22 -10.52 2.96
CA GLU A 270 12.56 -10.85 1.71
C GLU A 270 11.69 -12.07 1.92
N THR A 271 10.54 -12.09 1.25
CA THR A 271 9.67 -13.24 1.35
C THR A 271 8.91 -13.35 0.03
N PRO A 272 8.76 -14.55 -0.52
CA PRO A 272 8.25 -14.68 -1.89
C PRO A 272 6.75 -14.41 -1.98
N LEU A 273 6.35 -13.63 -3.00
CA LEU A 273 4.96 -13.20 -3.15
C LEU A 273 4.47 -13.32 -4.58
N THR A 274 5.07 -14.23 -5.36
CA THR A 274 4.76 -14.35 -6.78
C THR A 274 3.28 -14.53 -7.05
N GLU A 275 2.55 -15.23 -6.18
CA GLU A 275 1.14 -15.48 -6.45
C GLU A 275 0.30 -14.21 -6.37
N PHE A 276 0.74 -13.25 -5.56
CA PHE A 276 0.08 -11.96 -5.42
C PHE A 276 0.50 -10.96 -6.48
N LEU A 277 1.74 -11.06 -6.97
CA LEU A 277 2.13 -10.24 -8.10
C LEU A 277 1.27 -10.53 -9.33
N LYS A 278 0.73 -11.75 -9.44
CA LYS A 278 -0.19 -12.07 -10.54
C LYS A 278 -1.46 -11.22 -10.50
N ALA A 279 -1.80 -10.67 -9.34
CA ALA A 279 -2.92 -9.76 -9.19
C ALA A 279 -2.48 -8.30 -9.13
N GLY A 280 -1.18 -8.04 -9.29
CA GLY A 280 -0.67 -6.69 -9.21
C GLY A 280 -0.48 -6.12 -7.83
N GLY A 281 -0.20 -6.96 -6.81
CA GLY A 281 0.10 -6.48 -5.48
C GLY A 281 1.19 -7.29 -4.82
N ALA A 282 1.81 -6.71 -3.79
CA ALA A 282 2.83 -7.42 -3.03
C ALA A 282 2.73 -7.11 -1.53
N ALA A 283 3.86 -7.05 -0.83
CA ALA A 283 3.82 -7.08 0.63
C ALA A 283 3.02 -5.91 1.20
N LYS A 284 3.30 -4.69 0.75
CA LYS A 284 2.62 -3.51 1.28
C LYS A 284 1.13 -3.55 0.97
N CYS A 285 0.77 -4.00 -0.24
CA CYS A 285 -0.65 -4.06 -0.60
C CYS A 285 -1.43 -5.02 0.31
N LEU A 286 -0.77 -6.05 0.82
CA LEU A 286 -1.38 -7.05 1.68
C LEU A 286 -1.52 -6.59 3.13
N THR A 287 -1.22 -5.32 3.43
CA THR A 287 -1.20 -4.82 4.79
C THR A 287 -1.84 -3.45 4.86
N LEU A 288 -2.35 -3.13 6.05
CA LEU A 288 -2.84 -1.79 6.36
C LEU A 288 -2.44 -1.49 7.80
N ARG A 289 -1.58 -0.50 8.01
N ARG A 289 -1.57 -0.51 8.00
CA ARG A 289 -1.25 -0.10 9.37
CA ARG A 289 -1.25 -0.10 9.36
C ARG A 289 -2.42 0.66 9.96
C ARG A 289 -2.44 0.65 9.94
N VAL A 290 -3.03 0.08 11.00
CA VAL A 290 -4.23 0.66 11.59
C VAL A 290 -3.94 1.48 12.83
N THR A 291 -2.66 1.61 13.21
CA THR A 291 -2.19 2.51 14.27
C THR A 291 -1.32 3.55 13.60
N GLU A 292 -1.94 4.69 13.27
CA GLU A 292 -1.22 5.81 12.67
C GLU A 292 -1.35 6.98 13.62
N PRO A 293 -0.35 7.23 14.46
CA PRO A 293 -0.50 8.25 15.50
C PRO A 293 -0.57 9.65 14.90
N ILE A 294 -1.34 10.51 15.55
CA ILE A 294 -1.32 11.92 15.19
C ILE A 294 -0.14 12.56 15.92
N LEU A 295 0.77 13.14 15.14
CA LEU A 295 2.02 13.68 15.65
C LEU A 295 2.02 15.21 15.55
N PRO A 296 2.50 15.91 16.59
CA PRO A 296 2.53 17.38 16.58
C PRO A 296 3.63 17.93 15.68
N ORN B . -5.90 -6.65 -8.04
CA ORN B . -5.86 -5.53 -7.10
CB ORN B . -4.46 -5.28 -6.54
CG ORN B . -4.43 -4.17 -5.52
CD ORN B . -3.02 -3.94 -4.99
NE ORN B . -2.82 -2.71 -4.27
C ORN B . -6.38 -4.24 -7.79
O ORN B . -6.23 -4.18 -9.03
OXT ORN B . -6.91 -3.35 -7.07
C1 EDO C . 9.12 10.43 3.47
O1 EDO C . 7.86 11.13 3.55
C2 EDO C . 9.68 10.11 4.86
O2 EDO C . 8.86 9.17 5.56
C1 EDO D . 6.77 -20.76 -2.44
O1 EDO D . 7.10 -19.53 -3.07
C2 EDO D . 5.87 -20.54 -1.24
O2 EDO D . 6.62 -19.98 -0.16
C1 EDO E . 7.52 3.96 10.05
O1 EDO E . 7.04 4.97 10.95
C2 EDO E . 8.33 2.92 10.79
O2 EDO E . 7.58 2.27 11.82
C1 EDO F . -5.24 0.20 -13.37
O1 EDO F . -6.19 1.05 -12.73
C2 EDO F . -4.42 1.05 -14.33
O2 EDO F . -3.26 0.30 -14.67
C1 EDO G . -3.23 -9.14 21.29
O1 EDO G . -3.02 -9.92 22.47
C2 EDO G . -1.92 -8.90 20.53
O2 EDO G . -1.39 -10.11 19.97
C1 EDO H . -7.23 21.10 -0.38
O1 EDO H . -7.92 21.54 0.80
C2 EDO H . -6.12 20.14 0.03
O2 EDO H . -5.88 19.18 -1.00
C1 EDO I . 2.74 -5.55 -16.74
O1 EDO I . 4.04 -5.21 -17.27
C2 EDO I . 2.68 -7.06 -16.49
O2 EDO I . 3.03 -7.75 -17.69
C1 EDO J . 2.88 -12.80 -13.06
O1 EDO J . 2.73 -12.71 -14.48
C2 EDO J . 3.41 -11.49 -12.51
O2 EDO J . 2.46 -10.44 -12.74
C1 EDO K . 14.19 -9.43 -9.17
O1 EDO K . 14.13 -9.41 -10.60
C2 EDO K . 14.21 -8.01 -8.60
O2 EDO K . 15.40 -7.32 -8.99
C1 EDO L . 16.66 4.90 9.15
O1 EDO L . 16.89 5.83 10.21
C2 EDO L . 16.60 3.49 9.70
O2 EDO L . 15.58 3.41 10.70
C1 EDO M . 1.04 9.99 10.37
O1 EDO M . 0.99 10.83 11.52
C2 EDO M . 2.24 9.05 10.50
O2 EDO M . 1.99 8.15 11.58
C1 EDO N . 1.44 20.23 -4.86
O1 EDO N . 2.04 20.32 -3.56
C2 EDO N . 0.63 18.93 -4.96
O2 EDO N . -0.45 18.96 -4.02
C1 EDO O . -9.74 -14.77 9.59
O1 EDO O . -10.75 -15.59 8.97
C2 EDO O . -10.40 -13.63 10.35
O2 EDO O . -10.44 -13.94 11.75
C1 EDO P . -3.08 19.76 -7.44
O1 EDO P . -2.28 19.00 -8.36
C2 EDO P . -4.15 20.53 -8.20
O2 EDO P . -4.91 21.34 -7.28
C1 EDO Q . -16.33 4.80 -8.60
O1 EDO Q . -17.71 5.17 -8.67
C2 EDO Q . -15.68 5.06 -9.95
O2 EDO Q . -16.16 4.12 -10.92
C1 EDO R . 17.09 -4.35 -16.94
O1 EDO R . 16.33 -3.25 -16.40
C2 EDO R . 18.52 -4.28 -16.44
O2 EDO R . 19.12 -3.05 -16.87
C1 EDO S . 3.40 0.31 7.04
O1 EDO S . 3.26 -0.47 8.24
C2 EDO S . 4.46 -0.32 6.15
O2 EDO S . 5.37 0.64 5.58
#